data_4BQW
#
_entry.id   4BQW
#
_cell.length_a   109.914
_cell.length_b   109.914
_cell.length_c   39.409
_cell.angle_alpha   90.00
_cell.angle_beta   90.00
_cell.angle_gamma   120.00
#
_symmetry.space_group_name_H-M   'P 63'
#
loop_
_entity.id
_entity.type
_entity.pdbx_description
1 polymer 'EGL NINE HOMOLOG 1'
2 non-polymer 'MANGANESE (II) ION'
3 non-polymer '2-[(1-methyl-2-oxidanyl-4-oxidanylidene-quinolin-3-yl)carbonylamino]ethanoic acid'
4 water water
#
_entity_poly.entity_id   1
_entity_poly.type   'polypeptide(L)'
_entity_poly.pdbx_seq_one_letter_code
;GSHMASPNGQTKPLPALKLALEYIVPCMNKHGICVVDDFLGKETGQQIGDEVRALHDTGKFTDGQLVSQKSDSSKDIRGD
KITWIEGKEPGCETIGLLMSSMDDLIRHCNGKLGSYKINGRTKAMVACYPGNGTGYVRHVDNPNGDGRCVTCIYYLNKDW
DAKVSGGILRIFPEGKAQFADIEPKFDRLLFFWSDRRNPHEVQPAYATRYAITVWYFDADERARAKVKYLTGEKGVRVEL
NKPSDSVGKDVF
;
_entity_poly.pdbx_strand_id   A
#
loop_
_chem_comp.id
_chem_comp.type
_chem_comp.name
_chem_comp.formula
MN non-polymer 'MANGANESE (II) ION' 'Mn 2'
QNM non-polymer '2-[(1-methyl-2-oxidanyl-4-oxidanylidene-quinolin-3-yl)carbonylamino]ethanoic acid' 'C13 H12 N2 O5'
#
# COMPACT_ATOMS: atom_id res chain seq x y z
N LEU A 14 -17.76 9.52 2.64
CA LEU A 14 -18.56 8.55 3.42
C LEU A 14 -17.94 8.40 4.82
N PRO A 15 -18.77 8.40 5.86
CA PRO A 15 -18.27 8.29 7.24
C PRO A 15 -17.25 7.17 7.37
N ALA A 16 -17.41 6.17 6.51
CA ALA A 16 -16.53 5.02 6.50
C ALA A 16 -16.96 3.95 7.49
N LEU A 17 -17.98 4.23 8.30
CA LEU A 17 -18.47 3.17 9.17
C LEU A 17 -19.42 2.47 8.21
N LYS A 18 -20.09 3.29 7.40
CA LYS A 18 -21.00 2.75 6.40
C LYS A 18 -20.09 2.09 5.38
N LEU A 19 -18.93 2.72 5.16
CA LEU A 19 -17.92 2.22 4.24
C LEU A 19 -17.49 0.84 4.72
N ALA A 20 -16.96 0.80 5.94
CA ALA A 20 -16.50 -0.43 6.54
C ALA A 20 -17.58 -1.53 6.60
N LEU A 21 -18.72 -1.20 7.20
CA LEU A 21 -19.77 -2.17 7.36
C LEU A 21 -20.51 -2.64 6.12
N GLU A 22 -20.81 -1.74 5.20
CA GLU A 22 -21.53 -2.13 3.99
C GLU A 22 -20.70 -2.55 2.79
N TYR A 23 -19.41 -2.20 2.77
CA TYR A 23 -18.59 -2.58 1.61
C TYR A 23 -17.33 -3.36 1.94
N ILE A 24 -16.46 -2.76 2.75
CA ILE A 24 -15.19 -3.37 3.08
C ILE A 24 -15.27 -4.73 3.76
N VAL A 25 -16.14 -4.87 4.76
CA VAL A 25 -16.25 -6.14 5.45
C VAL A 25 -16.76 -7.25 4.54
N PRO A 26 -17.93 -7.05 3.90
CA PRO A 26 -18.39 -8.14 3.03
C PRO A 26 -17.46 -8.40 1.85
N CYS A 27 -16.85 -7.35 1.32
CA CYS A 27 -15.94 -7.55 0.19
C CYS A 27 -14.70 -8.36 0.59
N MET A 28 -14.10 -8.03 1.73
CA MET A 28 -12.92 -8.76 2.18
C MET A 28 -13.21 -10.24 2.44
N ASN A 29 -14.34 -10.54 3.06
CA ASN A 29 -14.68 -11.92 3.35
C ASN A 29 -15.05 -12.70 2.10
N LYS A 30 -15.43 -11.99 1.04
CA LYS A 30 -15.81 -12.62 -0.21
C LYS A 30 -14.66 -12.70 -1.21
N HIS A 31 -13.97 -11.58 -1.41
CA HIS A 31 -12.89 -11.51 -2.40
C HIS A 31 -11.48 -11.38 -1.84
N GLY A 32 -11.34 -10.75 -0.68
CA GLY A 32 -10.01 -10.57 -0.11
C GLY A 32 -9.21 -9.48 -0.79
N ILE A 33 -9.86 -8.74 -1.69
CA ILE A 33 -9.25 -7.63 -2.44
C ILE A 33 -10.34 -6.60 -2.61
N CYS A 34 -10.20 -5.42 -1.98
CA CYS A 34 -11.25 -4.41 -2.03
C CYS A 34 -10.74 -3.02 -2.32
N VAL A 35 -11.43 -2.33 -3.23
CA VAL A 35 -11.06 -1.00 -3.67
C VAL A 35 -12.08 0.08 -3.33
N VAL A 36 -11.61 1.17 -2.72
CA VAL A 36 -12.45 2.31 -2.35
C VAL A 36 -11.93 3.57 -3.05
N ASP A 37 -12.71 4.12 -3.98
CA ASP A 37 -12.28 5.34 -4.66
C ASP A 37 -12.76 6.59 -3.95
N ASP A 38 -12.06 7.69 -4.19
CA ASP A 38 -12.39 8.97 -3.58
C ASP A 38 -12.52 8.84 -2.06
N PHE A 39 -11.51 8.24 -1.47
CA PHE A 39 -11.45 8.00 -0.03
C PHE A 39 -11.48 9.27 0.82
N LEU A 40 -10.57 10.20 0.56
CA LEU A 40 -10.47 11.42 1.35
C LEU A 40 -10.93 12.71 0.67
N GLY A 41 -11.13 12.67 -0.65
CA GLY A 41 -11.51 13.86 -1.38
C GLY A 41 -10.31 14.56 -2.00
N LYS A 42 -10.56 15.36 -3.03
CA LYS A 42 -9.50 16.07 -3.73
C LYS A 42 -8.61 16.98 -2.88
N GLU A 43 -9.21 17.81 -2.04
CA GLU A 43 -8.44 18.72 -1.20
C GLU A 43 -7.45 17.99 -0.30
N THR A 44 -7.95 17.04 0.48
CA THR A 44 -7.09 16.30 1.38
C THR A 44 -6.08 15.44 0.62
N GLY A 45 -6.53 14.84 -0.49
CA GLY A 45 -5.66 14.00 -1.30
C GLY A 45 -4.51 14.79 -1.88
N GLN A 46 -4.80 16.02 -2.32
CA GLN A 46 -3.77 16.87 -2.88
C GLN A 46 -2.79 17.31 -1.81
N GLN A 47 -3.27 17.53 -0.59
CA GLN A 47 -2.40 17.92 0.51
C GLN A 47 -1.40 16.79 0.79
N ILE A 48 -1.90 15.55 0.80
CA ILE A 48 -1.03 14.41 1.04
C ILE A 48 -0.03 14.32 -0.12
N GLY A 49 -0.51 14.51 -1.34
CA GLY A 49 0.36 14.46 -2.50
C GLY A 49 1.48 15.48 -2.38
N ASP A 50 1.14 16.66 -1.86
CA ASP A 50 2.13 17.72 -1.69
C ASP A 50 3.17 17.35 -0.64
N GLU A 51 2.73 16.73 0.45
CA GLU A 51 3.66 16.35 1.49
C GLU A 51 4.58 15.25 0.97
N VAL A 52 4.02 14.32 0.23
CA VAL A 52 4.79 13.22 -0.32
C VAL A 52 5.84 13.75 -1.31
N ARG A 53 5.43 14.64 -2.21
CA ARG A 53 6.37 15.21 -3.17
C ARG A 53 7.44 16.06 -2.50
N ALA A 54 7.09 16.70 -1.39
CA ALA A 54 8.05 17.52 -0.66
C ALA A 54 9.10 16.61 -0.03
N LEU A 55 8.66 15.48 0.49
CA LEU A 55 9.59 14.51 1.07
C LEU A 55 10.55 14.06 -0.01
N HIS A 56 10.00 13.79 -1.19
CA HIS A 56 10.80 13.33 -2.31
C HIS A 56 11.79 14.40 -2.75
N ASP A 57 11.27 15.60 -2.97
CA ASP A 57 12.06 16.73 -3.42
C ASP A 57 13.11 17.21 -2.45
N THR A 58 12.95 16.93 -1.15
CA THR A 58 13.96 17.35 -0.18
C THR A 58 14.87 16.19 0.23
N GLY A 59 14.85 15.13 -0.57
CA GLY A 59 15.73 13.98 -0.35
C GLY A 59 15.45 12.98 0.76
N LYS A 60 14.21 12.88 1.22
CA LYS A 60 13.89 11.97 2.30
C LYS A 60 13.78 10.48 1.92
N PHE A 61 13.55 10.18 0.64
CA PHE A 61 13.45 8.79 0.21
C PHE A 61 14.83 8.17 0.04
N THR A 62 14.87 6.83 0.00
CA THR A 62 16.12 6.13 -0.25
C THR A 62 16.41 6.32 -1.73
N ASP A 63 17.56 5.83 -2.20
CA ASP A 63 17.91 5.97 -3.62
C ASP A 63 17.18 4.99 -4.53
N GLY A 64 16.56 3.97 -3.94
CA GLY A 64 15.83 3.01 -4.74
C GLY A 64 16.41 1.61 -4.69
N GLN A 65 15.55 0.60 -4.74
CA GLN A 65 15.98 -0.79 -4.70
C GLN A 65 16.94 -1.09 -5.84
N LEU A 66 18.08 -1.69 -5.49
CA LEU A 66 19.07 -2.03 -6.50
C LEU A 66 18.47 -3.12 -7.37
N VAL A 67 18.17 -2.77 -8.61
CA VAL A 67 17.56 -3.67 -9.57
C VAL A 67 18.58 -4.41 -10.43
N SER A 68 19.55 -3.66 -10.95
CA SER A 68 20.59 -4.22 -11.79
C SER A 68 21.94 -3.67 -11.32
N GLN A 69 22.82 -4.56 -10.87
CA GLN A 69 24.12 -4.12 -10.37
C GLN A 69 25.29 -4.43 -11.31
N LYS A 70 25.73 -3.41 -12.04
CA LYS A 70 26.83 -3.54 -12.99
C LYS A 70 28.19 -3.45 -12.30
N SER A 71 29.21 -4.03 -12.92
CA SER A 71 30.56 -3.98 -12.39
C SER A 71 30.88 -2.51 -12.20
N ASP A 72 30.38 -1.71 -13.13
CA ASP A 72 30.48 -0.26 -13.10
C ASP A 72 29.19 0.19 -12.44
N SER A 73 29.32 0.80 -11.26
CA SER A 73 28.15 1.22 -10.49
C SER A 73 27.56 2.58 -10.83
N SER A 74 27.91 3.11 -12.00
CA SER A 74 27.36 4.37 -12.46
C SER A 74 26.17 3.99 -13.32
N LYS A 75 26.22 2.75 -13.80
CA LYS A 75 25.19 2.18 -14.64
C LYS A 75 24.18 1.35 -13.83
N ASP A 76 24.33 1.35 -12.51
CA ASP A 76 23.42 0.62 -11.66
C ASP A 76 21.99 1.14 -11.86
N ILE A 77 21.03 0.23 -11.94
CA ILE A 77 19.64 0.64 -12.11
C ILE A 77 18.91 0.42 -10.80
N ARG A 78 18.28 1.47 -10.29
CA ARG A 78 17.53 1.38 -9.06
C ARG A 78 16.05 1.61 -9.32
N GLY A 79 15.22 0.98 -8.50
CA GLY A 79 13.78 1.09 -8.68
C GLY A 79 13.06 1.83 -7.59
N ASP A 80 12.09 1.17 -6.97
CA ASP A 80 11.30 1.78 -5.92
C ASP A 80 12.10 2.43 -4.80
N LYS A 81 11.75 3.69 -4.52
CA LYS A 81 12.37 4.46 -3.46
C LYS A 81 11.37 4.46 -2.30
N ILE A 82 11.87 4.37 -1.07
CA ILE A 82 10.96 4.36 0.07
C ILE A 82 11.42 5.21 1.25
N THR A 83 10.47 5.46 2.15
CA THR A 83 10.73 6.17 3.38
C THR A 83 9.62 5.78 4.35
N TRP A 84 10.01 5.50 5.59
CA TRP A 84 9.06 5.12 6.63
C TRP A 84 8.59 6.37 7.36
N ILE A 85 7.27 6.53 7.47
CA ILE A 85 6.71 7.71 8.11
C ILE A 85 5.82 7.32 9.28
N GLU A 86 6.07 7.95 10.43
CA GLU A 86 5.29 7.66 11.63
C GLU A 86 3.98 8.45 11.60
N GLY A 87 4.02 9.63 11.00
CA GLY A 87 2.82 10.44 10.90
C GLY A 87 2.87 11.69 11.76
N LYS A 88 3.87 11.80 12.62
CA LYS A 88 4.02 12.95 13.51
C LYS A 88 5.16 13.87 13.08
N GLU A 89 5.93 13.44 12.08
CA GLU A 89 7.03 14.24 11.59
C GLU A 89 6.58 15.57 11.00
N PRO A 90 7.45 16.59 11.04
CA PRO A 90 7.07 17.89 10.48
C PRO A 90 6.87 17.69 8.99
N GLY A 91 5.83 18.30 8.44
CA GLY A 91 5.57 18.17 7.01
C GLY A 91 4.85 16.88 6.64
N CYS A 92 4.48 16.09 7.64
CA CYS A 92 3.78 14.82 7.39
C CYS A 92 2.46 14.74 8.13
N GLU A 93 1.95 15.88 8.57
CA GLU A 93 0.70 15.94 9.32
C GLU A 93 -0.47 15.29 8.58
N THR A 94 -0.64 15.62 7.30
CA THR A 94 -1.75 15.06 6.54
C THR A 94 -1.57 13.58 6.22
N ILE A 95 -0.32 13.13 6.15
CA ILE A 95 -0.08 11.69 5.95
C ILE A 95 -0.54 11.05 7.26
N GLY A 96 -0.26 11.73 8.36
CA GLY A 96 -0.66 11.24 9.67
C GLY A 96 -2.18 11.18 9.73
N LEU A 97 -2.84 12.14 9.09
CA LEU A 97 -4.30 12.18 9.05
C LEU A 97 -4.81 10.96 8.26
N LEU A 98 -4.14 10.67 7.14
CA LEU A 98 -4.51 9.51 6.32
C LEU A 98 -4.41 8.26 7.20
N MET A 99 -3.29 8.13 7.89
CA MET A 99 -3.06 6.97 8.73
C MET A 99 -4.14 6.82 9.80
N SER A 100 -4.52 7.94 10.41
CA SER A 100 -5.57 7.91 11.42
C SER A 100 -6.90 7.50 10.79
N SER A 101 -7.10 7.89 9.53
CA SER A 101 -8.34 7.56 8.82
C SER A 101 -8.37 6.08 8.48
N MET A 102 -7.20 5.52 8.14
CA MET A 102 -7.11 4.10 7.83
C MET A 102 -7.41 3.36 9.13
N ASP A 103 -6.83 3.83 10.23
CA ASP A 103 -7.01 3.23 11.54
C ASP A 103 -8.49 3.20 11.96
N ASP A 104 -9.21 4.29 11.73
CA ASP A 104 -10.63 4.36 12.09
C ASP A 104 -11.45 3.31 11.36
N LEU A 105 -11.18 3.20 10.06
CA LEU A 105 -11.88 2.25 9.20
C LEU A 105 -11.66 0.84 9.72
N ILE A 106 -10.41 0.49 10.00
CA ILE A 106 -10.07 -0.83 10.49
C ILE A 106 -10.70 -1.08 11.85
N ARG A 107 -10.65 -0.08 12.73
CA ARG A 107 -11.24 -0.24 14.06
C ARG A 107 -12.71 -0.57 13.98
N HIS A 108 -13.41 -0.01 12.99
CA HIS A 108 -14.83 -0.28 12.85
C HIS A 108 -15.13 -1.60 12.15
N CYS A 109 -14.08 -2.28 11.68
CA CYS A 109 -14.21 -3.58 11.04
C CYS A 109 -13.83 -4.64 12.07
N ASN A 110 -13.39 -4.18 13.24
CA ASN A 110 -12.94 -5.04 14.32
C ASN A 110 -13.79 -6.28 14.54
N GLY A 111 -13.16 -7.45 14.43
CA GLY A 111 -13.86 -8.71 14.62
C GLY A 111 -14.71 -9.18 13.46
N LYS A 112 -14.66 -8.46 12.34
CA LYS A 112 -15.45 -8.84 11.19
C LYS A 112 -14.62 -9.21 9.95
N LEU A 113 -13.31 -9.02 10.04
CA LEU A 113 -12.43 -9.35 8.91
C LEU A 113 -11.89 -10.73 9.19
N GLY A 114 -12.44 -11.73 8.51
CA GLY A 114 -12.04 -13.10 8.76
C GLY A 114 -12.25 -13.32 10.25
N SER A 115 -11.37 -14.08 10.88
CA SER A 115 -11.49 -14.28 12.33
C SER A 115 -10.33 -13.55 13.01
N TYR A 116 -9.76 -12.59 12.30
CA TYR A 116 -8.64 -11.82 12.82
C TYR A 116 -9.08 -10.80 13.85
N LYS A 117 -8.13 -10.40 14.69
CA LYS A 117 -8.33 -9.38 15.71
C LYS A 117 -7.13 -8.45 15.57
N ILE A 118 -7.32 -7.38 14.80
CA ILE A 118 -6.26 -6.42 14.55
C ILE A 118 -5.98 -5.55 15.77
N ASN A 119 -4.73 -5.56 16.22
CA ASN A 119 -4.37 -4.79 17.41
C ASN A 119 -3.18 -3.84 17.20
N GLY A 120 -2.77 -3.67 15.95
CA GLY A 120 -1.65 -2.79 15.68
C GLY A 120 -1.34 -2.71 14.20
N ARG A 121 -0.40 -1.85 13.85
CA ARG A 121 0.01 -1.70 12.45
C ARG A 121 1.45 -1.24 12.38
N THR A 122 1.99 -1.21 11.17
CA THR A 122 3.34 -0.74 10.94
C THR A 122 3.26 0.76 10.75
N LYS A 123 4.42 1.40 10.64
CA LYS A 123 4.46 2.82 10.31
C LYS A 123 4.07 2.79 8.85
N ALA A 124 3.92 3.97 8.24
CA ALA A 124 3.55 3.99 6.83
C ALA A 124 4.77 3.89 5.95
N MET A 125 4.70 3.07 4.90
CA MET A 125 5.80 3.00 3.96
C MET A 125 5.38 3.78 2.72
N VAL A 126 6.00 4.93 2.54
CA VAL A 126 5.72 5.77 1.38
C VAL A 126 6.68 5.30 0.29
N ALA A 127 6.15 4.95 -0.87
CA ALA A 127 6.99 4.44 -1.94
C ALA A 127 6.88 5.29 -3.18
N CYS A 128 7.98 5.40 -3.90
CA CYS A 128 8.03 6.17 -5.13
C CYS A 128 8.73 5.39 -6.24
N TYR A 129 8.00 5.02 -7.26
CA TYR A 129 8.62 4.36 -8.41
C TYR A 129 9.01 5.59 -9.24
N PRO A 130 10.31 5.75 -9.53
CA PRO A 130 10.84 6.90 -10.28
C PRO A 130 10.38 7.09 -11.72
N GLY A 131 9.70 6.09 -12.29
CA GLY A 131 9.21 6.22 -13.66
C GLY A 131 10.28 5.92 -14.70
N ASN A 132 11.20 5.02 -14.36
CA ASN A 132 12.28 4.67 -15.28
C ASN A 132 12.11 3.26 -15.82
N GLY A 133 10.87 2.78 -15.85
CA GLY A 133 10.61 1.44 -16.34
C GLY A 133 10.74 0.34 -15.31
N THR A 134 11.06 0.70 -14.07
CA THR A 134 11.18 -0.31 -13.02
C THR A 134 9.80 -0.58 -12.40
N GLY A 135 9.63 -1.79 -11.87
CA GLY A 135 8.38 -2.16 -11.22
C GLY A 135 8.76 -2.90 -9.96
N TYR A 136 7.92 -3.86 -9.56
CA TYR A 136 8.19 -4.65 -8.38
C TYR A 136 7.81 -6.11 -8.68
N VAL A 137 8.77 -7.01 -8.51
CA VAL A 137 8.55 -8.41 -8.81
C VAL A 137 7.39 -9.05 -8.07
N ARG A 138 6.86 -10.13 -8.64
CA ARG A 138 5.77 -10.86 -8.01
C ARG A 138 6.23 -11.36 -6.64
N HIS A 139 5.39 -11.15 -5.62
CA HIS A 139 5.74 -11.56 -4.27
C HIS A 139 4.49 -11.67 -3.41
N VAL A 140 4.68 -12.19 -2.21
CA VAL A 140 3.63 -12.28 -1.20
C VAL A 140 4.15 -11.38 -0.08
N ASP A 141 3.29 -10.51 0.45
CA ASP A 141 3.74 -9.60 1.50
C ASP A 141 4.21 -10.33 2.74
N ASN A 142 3.36 -11.21 3.25
CA ASN A 142 3.68 -11.98 4.46
C ASN A 142 3.54 -13.47 4.17
N PRO A 143 4.62 -14.09 3.69
CA PRO A 143 4.58 -15.52 3.38
C PRO A 143 4.94 -16.42 4.54
N ASN A 144 5.56 -15.85 5.58
CA ASN A 144 6.01 -16.67 6.70
C ASN A 144 5.41 -16.39 8.08
N GLY A 145 4.18 -15.89 8.12
CA GLY A 145 3.52 -15.64 9.37
C GLY A 145 4.16 -14.62 10.28
N ASP A 146 4.49 -13.45 9.75
CA ASP A 146 5.12 -12.42 10.56
C ASP A 146 4.13 -11.56 11.32
N GLY A 147 2.85 -11.87 11.21
CA GLY A 147 1.84 -11.11 11.94
C GLY A 147 0.93 -10.23 11.12
N ARG A 148 1.38 -9.81 9.94
CA ARG A 148 0.58 -8.93 9.09
C ARG A 148 -0.56 -9.67 8.39
N CYS A 149 -1.79 -9.24 8.62
CA CYS A 149 -2.92 -9.91 7.99
C CYS A 149 -3.59 -9.10 6.89
N VAL A 150 -3.51 -7.78 6.98
CA VAL A 150 -4.13 -6.92 5.97
C VAL A 150 -3.18 -5.86 5.45
N THR A 151 -3.15 -5.71 4.13
CA THR A 151 -2.32 -4.70 3.50
C THR A 151 -3.24 -3.58 3.07
N CYS A 152 -2.86 -2.36 3.43
CA CYS A 152 -3.64 -1.16 3.08
CA CYS A 152 -3.66 -1.09 3.01
C CYS A 152 -2.81 -0.22 2.22
N ILE A 153 -3.27 0.08 1.01
CA ILE A 153 -2.49 1.00 0.17
C ILE A 153 -3.34 2.17 -0.30
N TYR A 154 -2.79 3.38 -0.16
CA TYR A 154 -3.45 4.60 -0.62
C TYR A 154 -2.63 5.17 -1.77
N TYR A 155 -3.29 5.40 -2.91
CA TYR A 155 -2.60 5.91 -4.09
C TYR A 155 -2.75 7.43 -4.26
N LEU A 156 -1.73 8.06 -4.83
CA LEU A 156 -1.68 9.53 -5.01
C LEU A 156 -1.55 10.03 -6.43
N ASN A 157 -1.73 9.18 -7.43
CA ASN A 157 -1.46 9.62 -8.79
C ASN A 157 -2.61 10.16 -9.63
N LYS A 158 -2.64 11.49 -9.73
CA LYS A 158 -3.67 12.21 -10.48
C LYS A 158 -3.64 11.93 -11.97
N ASP A 159 -4.84 11.73 -12.53
CA ASP A 159 -5.00 11.46 -13.95
C ASP A 159 -4.02 10.41 -14.43
N TRP A 160 -3.84 9.35 -13.64
CA TRP A 160 -2.92 8.29 -14.02
C TRP A 160 -3.52 7.52 -15.18
N ASP A 161 -2.73 7.35 -16.22
CA ASP A 161 -3.18 6.61 -17.40
C ASP A 161 -2.23 5.44 -17.60
N ALA A 162 -2.66 4.26 -17.17
CA ALA A 162 -1.86 3.05 -17.25
C ALA A 162 -1.45 2.68 -18.68
N LYS A 163 -2.23 3.09 -19.67
CA LYS A 163 -1.90 2.78 -21.06
C LYS A 163 -0.61 3.48 -21.44
N VAL A 164 -0.37 4.62 -20.83
CA VAL A 164 0.81 5.44 -21.08
C VAL A 164 1.89 5.22 -20.03
N SER A 165 1.47 5.24 -18.77
CA SER A 165 2.41 5.15 -17.66
C SER A 165 2.64 3.79 -16.98
N GLY A 166 1.89 2.77 -17.38
CA GLY A 166 2.07 1.46 -16.76
C GLY A 166 1.77 1.53 -15.27
N GLY A 167 2.60 0.87 -14.46
CA GLY A 167 2.42 0.91 -13.01
C GLY A 167 1.21 0.22 -12.41
N ILE A 168 0.56 -0.64 -13.17
CA ILE A 168 -0.59 -1.37 -12.65
C ILE A 168 -0.20 -2.38 -11.58
N LEU A 169 -1.02 -2.48 -10.54
CA LEU A 169 -0.80 -3.46 -9.49
C LEU A 169 -1.58 -4.69 -9.96
N ARG A 170 -0.88 -5.78 -10.24
CA ARG A 170 -1.57 -6.99 -10.66
C ARG A 170 -1.52 -8.05 -9.56
N ILE A 171 -2.68 -8.47 -9.10
CA ILE A 171 -2.79 -9.47 -8.05
C ILE A 171 -3.19 -10.80 -8.67
N PHE A 172 -2.62 -11.89 -8.17
CA PHE A 172 -2.89 -13.23 -8.68
C PHE A 172 -3.59 -14.04 -7.59
N PRO A 173 -4.89 -13.81 -7.40
CA PRO A 173 -5.71 -14.49 -6.38
C PRO A 173 -5.46 -16.00 -6.38
N GLU A 174 -5.15 -16.54 -5.21
CA GLU A 174 -4.87 -17.98 -5.10
C GLU A 174 -6.06 -18.83 -5.52
N GLY A 175 -5.77 -19.89 -6.29
CA GLY A 175 -6.80 -20.80 -6.73
C GLY A 175 -7.72 -20.34 -7.85
N LYS A 176 -7.53 -19.11 -8.30
CA LYS A 176 -8.33 -18.56 -9.39
C LYS A 176 -7.49 -18.38 -10.64
N ALA A 177 -8.07 -18.64 -11.81
CA ALA A 177 -7.33 -18.46 -13.05
C ALA A 177 -7.69 -17.11 -13.66
N GLN A 178 -7.16 -16.05 -13.07
CA GLN A 178 -7.36 -14.69 -13.56
C GLN A 178 -6.57 -13.68 -12.75
N PHE A 179 -6.42 -12.49 -13.32
CA PHE A 179 -5.69 -11.40 -12.70
C PHE A 179 -6.69 -10.42 -12.12
N ALA A 180 -6.24 -9.66 -11.13
CA ALA A 180 -7.02 -8.58 -10.54
C ALA A 180 -6.08 -7.40 -10.74
N ASP A 181 -6.36 -6.57 -11.74
CA ASP A 181 -5.52 -5.41 -12.05
C ASP A 181 -6.08 -4.14 -11.43
N ILE A 182 -5.23 -3.45 -10.68
CA ILE A 182 -5.63 -2.22 -10.02
C ILE A 182 -4.74 -1.05 -10.40
N GLU A 183 -5.34 0.00 -10.96
CA GLU A 183 -4.59 1.19 -11.34
C GLU A 183 -4.34 2.02 -10.09
N PRO A 184 -3.14 2.59 -9.95
CA PRO A 184 -2.73 3.39 -8.79
C PRO A 184 -3.31 4.80 -8.84
N LYS A 185 -4.63 4.90 -8.92
CA LYS A 185 -5.33 6.17 -9.00
C LYS A 185 -5.33 7.05 -7.77
N PHE A 186 -5.36 8.36 -8.01
CA PHE A 186 -5.39 9.38 -6.97
C PHE A 186 -6.60 9.15 -6.04
N ASP A 187 -6.33 9.22 -4.75
CA ASP A 187 -7.34 9.08 -3.70
C ASP A 187 -8.03 7.72 -3.66
N ARG A 188 -7.35 6.70 -4.17
CA ARG A 188 -7.90 5.34 -4.13
C ARG A 188 -7.28 4.59 -2.96
N LEU A 189 -8.12 3.88 -2.20
CA LEU A 189 -7.67 3.09 -1.06
C LEU A 189 -7.88 1.62 -1.37
N LEU A 190 -6.86 0.82 -1.12
CA LEU A 190 -6.93 -0.62 -1.40
C LEU A 190 -6.67 -1.47 -0.16
N PHE A 191 -7.43 -2.56 -0.03
CA PHE A 191 -7.25 -3.52 1.06
C PHE A 191 -7.11 -4.91 0.46
N PHE A 192 -6.19 -5.72 1.00
CA PHE A 192 -6.09 -7.11 0.56
C PHE A 192 -5.38 -7.95 1.59
N TRP A 193 -5.73 -9.23 1.69
CA TRP A 193 -5.08 -10.12 2.66
C TRP A 193 -3.59 -10.14 2.32
N SER A 194 -2.76 -9.99 3.35
CA SER A 194 -1.30 -9.94 3.16
C SER A 194 -0.61 -11.29 2.93
N ASP A 195 -1.29 -12.39 3.24
CA ASP A 195 -0.65 -13.69 3.09
C ASP A 195 -0.64 -14.23 1.66
N ARG A 196 -0.32 -15.52 1.52
CA ARG A 196 -0.22 -16.17 0.22
C ARG A 196 -1.50 -16.17 -0.62
N ARG A 197 -2.61 -15.72 -0.08
CA ARG A 197 -3.82 -15.66 -0.86
C ARG A 197 -3.66 -14.62 -1.96
N ASN A 198 -2.79 -13.62 -1.72
CA ASN A 198 -2.62 -12.55 -2.70
C ASN A 198 -1.22 -12.23 -3.22
N PRO A 199 -0.66 -13.12 -4.06
CA PRO A 199 0.66 -12.81 -4.62
C PRO A 199 0.40 -11.63 -5.53
N HIS A 200 1.35 -10.73 -5.69
CA HIS A 200 1.12 -9.59 -6.56
C HIS A 200 2.43 -8.96 -7.05
N GLU A 201 2.31 -8.10 -8.05
CA GLU A 201 3.47 -7.44 -8.61
C GLU A 201 3.08 -6.04 -9.08
N VAL A 202 4.06 -5.15 -9.21
CA VAL A 202 3.79 -3.82 -9.74
C VAL A 202 4.41 -3.85 -11.13
N GLN A 203 3.60 -3.64 -12.16
CA GLN A 203 4.13 -3.66 -13.53
C GLN A 203 4.97 -2.41 -13.75
N PRO A 204 5.95 -2.50 -14.66
CA PRO A 204 6.83 -1.37 -14.97
C PRO A 204 6.10 -0.03 -14.99
N ALA A 205 6.62 0.95 -14.26
CA ALA A 205 6.05 2.28 -14.19
C ALA A 205 6.90 3.24 -15.01
N TYR A 206 6.26 3.98 -15.91
CA TYR A 206 6.97 4.90 -16.78
C TYR A 206 6.77 6.36 -16.44
N ALA A 207 6.21 6.59 -15.26
CA ALA A 207 5.99 7.92 -14.75
C ALA A 207 6.13 7.76 -13.24
N THR A 208 6.45 8.84 -12.55
CA THR A 208 6.58 8.80 -11.10
C THR A 208 5.28 8.29 -10.48
N ARG A 209 5.38 7.23 -9.68
CA ARG A 209 4.23 6.58 -9.04
C ARG A 209 4.39 6.58 -7.52
N TYR A 210 3.45 7.23 -6.83
CA TYR A 210 3.47 7.31 -5.37
C TYR A 210 2.34 6.51 -4.75
N ALA A 211 2.62 5.92 -3.59
CA ALA A 211 1.63 5.17 -2.83
C ALA A 211 2.09 5.11 -1.38
N ILE A 212 1.13 4.97 -0.47
CA ILE A 212 1.42 4.89 0.96
C ILE A 212 0.82 3.58 1.49
N THR A 213 1.66 2.75 2.09
CA THR A 213 1.20 1.46 2.59
C THR A 213 1.36 1.31 4.10
N VAL A 214 0.36 0.70 4.71
CA VAL A 214 0.42 0.37 6.12
C VAL A 214 -0.09 -1.06 6.21
N TRP A 215 0.57 -1.87 7.03
CA TRP A 215 0.15 -3.26 7.20
C TRP A 215 -0.45 -3.40 8.58
N TYR A 216 -1.58 -4.09 8.69
CA TYR A 216 -2.22 -4.31 9.98
C TYR A 216 -1.90 -5.69 10.52
N PHE A 217 -1.66 -5.74 11.82
CA PHE A 217 -1.31 -6.99 12.50
C PHE A 217 -2.47 -7.69 13.15
N ASP A 218 -2.49 -9.02 13.04
CA ASP A 218 -3.49 -9.83 13.73
C ASP A 218 -2.82 -10.12 15.08
N ALA A 219 -3.57 -9.95 16.16
CA ALA A 219 -3.04 -10.13 17.51
C ALA A 219 -2.39 -11.49 17.78
N ASP A 220 -3.08 -12.57 17.41
CA ASP A 220 -2.54 -13.90 17.65
C ASP A 220 -1.32 -14.22 16.81
N GLU A 221 -1.42 -14.00 15.51
CA GLU A 221 -0.29 -14.29 14.63
C GLU A 221 0.95 -13.52 15.07
N ARG A 222 0.78 -12.25 15.41
CA ARG A 222 1.89 -11.42 15.84
C ARG A 222 2.47 -11.87 17.18
N ALA A 223 1.59 -12.27 18.10
CA ALA A 223 2.04 -12.71 19.42
C ALA A 223 2.98 -13.91 19.31
N ARG A 224 2.66 -14.86 18.43
CA ARG A 224 3.49 -16.04 18.31
C ARG A 224 4.67 -15.85 17.35
N ALA A 225 4.64 -14.75 16.59
CA ALA A 225 5.75 -14.47 15.68
C ALA A 225 6.95 -14.03 16.52
N LYS A 226 6.67 -13.47 17.69
CA LYS A 226 7.73 -13.01 18.60
C LYS A 226 8.79 -14.07 18.87
N VAL A 227 8.40 -15.34 18.95
CA VAL A 227 9.38 -16.40 19.18
C VAL A 227 9.92 -16.97 17.88
N LYS A 228 9.11 -16.93 16.81
CA LYS A 228 9.57 -17.41 15.52
C LYS A 228 10.56 -16.35 15.04
N TYR A 229 10.60 -15.26 15.78
CA TYR A 229 11.50 -14.15 15.50
C TYR A 229 11.35 -13.56 14.11
MN MN B . 3.48 -5.99 -1.78
OAK QNM C . 2.28 -0.17 -4.91
CAI QNM C . 1.59 -1.18 -5.13
OAJ QNM C . 0.55 -1.23 -5.82
C4 QNM C . 2.08 -2.51 -4.53
N3 QNM C . 3.35 -2.29 -3.81
C2 QNM C . 3.95 -3.29 -3.18
O2 QNM C . 3.55 -4.45 -3.23
C6 QNM C . 5.99 -1.81 -2.85
O6 QNM C . 5.55 -1.04 -3.70
CAL QNM C . 7.99 -0.34 -2.63
CAN QNM C . 7.73 -2.40 -1.25
CAO QNM C . 8.95 -2.15 -0.64
CA0 QNM C . 5.26 -2.94 -2.47
CAP QNM C . 9.43 -3.01 0.33
CAQ QNM C . 8.70 -4.13 0.70
CAR QNM C . 7.47 -4.39 0.10
CAS QNM C . 6.98 -3.52 -0.88
CAT QNM C . 5.76 -3.78 -1.48
NAN QNM C . 7.21 -1.54 -2.23
OAU QNM C . 5.03 -4.86 -1.07
#